data_2I48
#
_entry.id   2I48
#
_cell.length_a   44.540
_cell.length_b   49.640
_cell.length_c   57.780
_cell.angle_alpha   87.330
_cell.angle_beta   80.500
_cell.angle_gamma   75.310
#
_symmetry.space_group_name_H-M   'P 1'
#
loop_
_entity.id
_entity.type
_entity.pdbx_description
1 polymer 'Bicarbonate transporter'
2 non-polymer 'CARBONATE ION'
3 water water
#
_entity_poly.entity_id   1
_entity_poly.type   'polypeptide(L)'
_entity_poly.pdbx_seq_one_letter_code
;GHMAGNPPDPNAASTGTNPSPQAAGDISPEMMPETANIKLGYIPIVEAAPLIIAQEKGFFAKYGMTGVEVSKQANWASAR
DNVTIGSQGGGIDGGQWQMPMPHLITEGIITNGNKVPMYVLAQLITQGNGIAVAPMHEGKGVNLDITKAADYIKGFNKTN
GRKFKAAHTFPNVNQDFWIRYWFAAGGVDPDTDIDLLAVPPAETVQGMRNGTMDAFSTGDPWPYRIVTENIGYMAGLTAQ
IWPYHPEEYLAIRADWVDKNPKATKALLKGIMEAQQWIDDPKNRPEVVQIVSGRNYFNVPTTILESPFKGQYTMGDGQPA
IDDFQKGPLYWKDGIGNVSYPYKSHDLWFLTESIRWGFHKNAIPDLDTAQKIIDKVNREDLWREAATEAGFTADIPSSTS
RGVETFFDGITFDPANPSAYLQSLAIKKV
;
_entity_poly.pdbx_strand_id   A
#
loop_
_chem_comp.id
_chem_comp.type
_chem_comp.name
_chem_comp.formula
CO3 non-polymer 'CARBONATE ION' 'C O3 -2'
#
# COMPACT_ATOMS: atom_id res chain seq x y z
N MET A 31 -19.58 1.20 25.28
CA MET A 31 -20.35 0.86 24.04
C MET A 31 -20.05 -0.57 23.65
N MET A 32 -20.52 -1.50 24.48
CA MET A 32 -20.31 -2.92 24.27
C MET A 32 -20.49 -3.34 22.81
N PRO A 33 -19.41 -3.85 22.19
CA PRO A 33 -19.51 -4.27 20.79
C PRO A 33 -20.52 -5.42 20.66
N GLU A 34 -21.17 -5.51 19.52
CA GLU A 34 -22.15 -6.57 19.29
C GLU A 34 -21.50 -7.94 19.40
N THR A 35 -20.22 -8.00 19.05
CA THR A 35 -19.44 -9.22 19.12
C THR A 35 -18.00 -8.83 19.40
N ALA A 36 -17.27 -9.71 20.07
CA ALA A 36 -15.87 -9.43 20.38
C ALA A 36 -14.95 -10.13 19.38
N ASN A 37 -15.55 -10.85 18.44
CA ASN A 37 -14.80 -11.61 17.45
C ASN A 37 -14.81 -11.06 16.03
N ILE A 38 -13.71 -11.28 15.33
CA ILE A 38 -13.54 -10.90 13.93
C ILE A 38 -12.22 -11.47 13.45
N LYS A 39 -12.19 -11.85 12.17
CA LYS A 39 -10.99 -12.40 11.56
C LYS A 39 -10.49 -11.38 10.53
N LEU A 40 -9.30 -10.85 10.77
CA LEU A 40 -8.69 -9.87 9.88
C LEU A 40 -7.42 -10.40 9.25
N GLY A 41 -7.35 -10.34 7.92
CA GLY A 41 -6.17 -10.83 7.24
C GLY A 41 -5.06 -9.80 7.12
N TYR A 42 -3.83 -10.30 6.99
CA TYR A 42 -2.66 -9.43 6.80
C TYR A 42 -1.61 -10.16 5.96
N ILE A 43 -0.73 -9.37 5.36
CA ILE A 43 0.38 -9.87 4.55
C ILE A 43 1.58 -9.48 5.40
N PRO A 44 2.56 -10.39 5.56
CA PRO A 44 3.77 -10.14 6.37
C PRO A 44 4.75 -9.06 5.91
N ILE A 45 4.27 -7.82 5.91
CA ILE A 45 5.06 -6.66 5.52
C ILE A 45 4.77 -5.54 6.51
N VAL A 46 5.58 -4.49 6.52
CA VAL A 46 5.39 -3.42 7.50
C VAL A 46 4.01 -2.77 7.52
N GLU A 47 3.30 -2.80 6.41
CA GLU A 47 1.96 -2.22 6.34
C GLU A 47 0.98 -2.88 7.33
N ALA A 48 1.30 -4.10 7.75
CA ALA A 48 0.45 -4.85 8.67
C ALA A 48 0.62 -4.48 10.14
N ALA A 49 1.67 -3.72 10.44
CA ALA A 49 1.96 -3.38 11.84
C ALA A 49 0.79 -2.97 12.75
N PRO A 50 -0.10 -2.07 12.30
CA PRO A 50 -1.22 -1.68 13.17
C PRO A 50 -2.12 -2.82 13.62
N LEU A 51 -2.36 -3.78 12.74
CA LEU A 51 -3.22 -4.91 13.07
C LEU A 51 -2.55 -5.79 14.11
N ILE A 52 -1.27 -6.08 13.91
CA ILE A 52 -0.52 -6.91 14.83
C ILE A 52 -0.35 -6.23 16.19
N ILE A 53 0.02 -4.95 16.18
CA ILE A 53 0.21 -4.23 17.43
C ILE A 53 -1.09 -4.01 18.19
N ALA A 54 -2.18 -3.68 17.48
CA ALA A 54 -3.46 -3.48 18.15
C ALA A 54 -3.83 -4.75 18.92
N GLN A 55 -3.52 -5.90 18.34
CA GLN A 55 -3.82 -7.17 18.98
C GLN A 55 -2.85 -7.48 20.12
N GLU A 56 -1.56 -7.53 19.81
CA GLU A 56 -0.55 -7.88 20.81
C GLU A 56 -0.35 -6.92 21.98
N LYS A 57 -0.58 -5.63 21.79
CA LYS A 57 -0.41 -4.69 22.89
C LYS A 57 -1.70 -4.40 23.65
N GLY A 58 -2.75 -5.16 23.34
CA GLY A 58 -4.03 -5.01 24.03
C GLY A 58 -4.93 -3.84 23.67
N PHE A 59 -4.66 -3.19 22.55
CA PHE A 59 -5.48 -2.05 22.14
C PHE A 59 -6.86 -2.50 21.68
N PHE A 60 -6.95 -3.65 21.02
CA PHE A 60 -8.26 -4.14 20.59
C PHE A 60 -9.06 -4.52 21.84
N ALA A 61 -8.40 -5.23 22.75
CA ALA A 61 -9.04 -5.68 23.99
C ALA A 61 -9.54 -4.52 24.84
N LYS A 62 -8.80 -3.43 24.86
CA LYS A 62 -9.18 -2.26 25.64
C LYS A 62 -10.60 -1.81 25.30
N TYR A 63 -10.97 -1.95 24.04
CA TYR A 63 -12.29 -1.53 23.57
C TYR A 63 -13.30 -2.67 23.45
N GLY A 64 -12.99 -3.82 24.06
CA GLY A 64 -13.90 -4.93 24.02
C GLY A 64 -13.69 -5.98 22.95
N MET A 65 -12.80 -5.71 21.98
CA MET A 65 -12.56 -6.69 20.93
C MET A 65 -11.46 -7.64 21.36
N THR A 66 -11.84 -8.60 22.20
CA THR A 66 -10.91 -9.58 22.76
C THR A 66 -10.78 -10.85 21.93
N GLY A 67 -11.58 -10.96 20.87
CA GLY A 67 -11.54 -12.14 20.03
C GLY A 67 -11.07 -11.88 18.61
N VAL A 68 -10.15 -10.95 18.44
CA VAL A 68 -9.64 -10.63 17.11
C VAL A 68 -8.56 -11.63 16.70
N GLU A 69 -8.72 -12.19 15.50
CA GLU A 69 -7.74 -13.13 14.98
C GLU A 69 -7.04 -12.47 13.80
N VAL A 70 -5.76 -12.15 13.98
CA VAL A 70 -4.96 -11.53 12.92
C VAL A 70 -4.38 -12.70 12.13
N SER A 71 -5.01 -13.00 11.01
CA SER A 71 -4.67 -14.14 10.15
C SER A 71 -3.78 -13.86 8.94
N LYS A 72 -2.62 -14.53 8.90
CA LYS A 72 -1.69 -14.34 7.80
C LYS A 72 -2.20 -14.91 6.49
N GLN A 73 -2.18 -14.09 5.44
CA GLN A 73 -2.63 -14.51 4.13
C GLN A 73 -1.42 -14.93 3.30
N ALA A 74 -1.58 -15.98 2.50
CA ALA A 74 -0.49 -16.49 1.67
C ALA A 74 -0.02 -15.50 0.62
N ASN A 75 -0.95 -14.75 0.06
CA ASN A 75 -0.66 -13.76 -0.98
C ASN A 75 -1.91 -12.93 -1.20
N TRP A 76 -1.82 -11.93 -2.07
CA TRP A 76 -2.97 -11.06 -2.31
C TRP A 76 -4.17 -11.76 -2.94
N ALA A 77 -3.90 -12.75 -3.79
CA ALA A 77 -4.97 -13.50 -4.44
C ALA A 77 -5.75 -14.24 -3.35
N SER A 78 -5.03 -14.84 -2.41
CA SER A 78 -5.65 -15.58 -1.32
C SER A 78 -6.43 -14.65 -0.41
N ALA A 79 -5.90 -13.45 -0.17
CA ALA A 79 -6.58 -12.48 0.68
C ALA A 79 -7.91 -12.14 0.03
N ARG A 80 -7.87 -11.86 -1.26
CA ARG A 80 -9.06 -11.53 -2.03
C ARG A 80 -10.09 -12.66 -1.91
N ASP A 81 -9.65 -13.90 -2.17
CA ASP A 81 -10.57 -15.03 -2.09
C ASP A 81 -11.14 -15.20 -0.68
N ASN A 82 -10.28 -15.08 0.33
CA ASN A 82 -10.74 -15.26 1.70
C ASN A 82 -11.75 -14.24 2.16
N VAL A 83 -11.65 -13.00 1.69
CA VAL A 83 -12.63 -12.01 2.12
C VAL A 83 -13.94 -12.22 1.37
N THR A 84 -13.88 -12.86 0.20
N THR A 84 -13.87 -12.85 0.21
CA THR A 84 -15.08 -13.10 -0.58
CA THR A 84 -15.05 -13.12 -0.60
C THR A 84 -15.93 -14.18 0.09
C THR A 84 -15.91 -14.19 0.06
N ILE A 85 -15.27 -15.16 0.72
CA ILE A 85 -15.99 -16.22 1.40
C ILE A 85 -16.38 -15.82 2.81
N GLY A 86 -15.71 -14.81 3.36
CA GLY A 86 -16.02 -14.36 4.69
C GLY A 86 -15.53 -15.33 5.76
N SER A 87 -15.62 -14.91 7.02
CA SER A 87 -15.19 -15.77 8.12
C SER A 87 -16.05 -17.02 8.23
N GLN A 88 -17.35 -16.87 8.03
CA GLN A 88 -18.24 -18.01 8.15
C GLN A 88 -17.92 -19.12 7.15
N GLY A 89 -17.30 -18.77 6.03
CA GLY A 89 -16.95 -19.77 5.04
C GLY A 89 -15.53 -20.28 5.22
N GLY A 90 -14.88 -19.83 6.29
CA GLY A 90 -13.51 -20.26 6.55
C GLY A 90 -12.48 -19.23 6.12
N GLY A 91 -12.95 -18.06 5.69
CA GLY A 91 -12.05 -17.01 5.26
C GLY A 91 -11.88 -15.89 6.27
N ILE A 92 -11.92 -14.65 5.79
CA ILE A 92 -11.76 -13.48 6.66
C ILE A 92 -12.90 -12.49 6.47
N ASP A 93 -13.12 -11.67 7.50
CA ASP A 93 -14.18 -10.65 7.48
C ASP A 93 -13.68 -9.35 6.88
N GLY A 94 -12.36 -9.19 6.84
CA GLY A 94 -11.76 -7.99 6.31
C GLY A 94 -10.28 -8.04 6.60
N GLY A 95 -9.61 -6.90 6.58
CA GLY A 95 -8.18 -6.90 6.86
C GLY A 95 -7.41 -5.80 6.17
N GLN A 96 -6.14 -6.08 5.90
CA GLN A 96 -5.19 -5.20 5.25
C GLN A 96 -5.34 -5.31 3.73
N TRP A 97 -5.35 -4.18 3.03
CA TRP A 97 -5.49 -4.18 1.56
C TRP A 97 -4.73 -3.11 0.83
N GLN A 98 -4.33 -3.43 -0.40
CA GLN A 98 -3.71 -2.47 -1.27
C GLN A 98 -4.92 -1.88 -1.98
N MET A 99 -4.84 -0.63 -2.38
CA MET A 99 -5.96 0.03 -3.06
C MET A 99 -5.88 -0.16 -4.57
N PRO A 100 -7.05 -0.24 -5.24
CA PRO A 100 -8.40 -0.14 -4.69
C PRO A 100 -9.08 -1.52 -4.58
N MET A 101 -8.41 -2.47 -3.95
CA MET A 101 -9.00 -3.81 -3.80
C MET A 101 -10.40 -3.81 -3.19
N PRO A 102 -10.63 -3.01 -2.13
CA PRO A 102 -11.97 -3.02 -1.53
C PRO A 102 -13.03 -2.61 -2.55
N HIS A 103 -12.70 -1.62 -3.38
CA HIS A 103 -13.61 -1.12 -4.39
C HIS A 103 -13.83 -2.16 -5.50
N LEU A 104 -12.75 -2.80 -5.91
CA LEU A 104 -12.84 -3.81 -6.97
C LEU A 104 -13.62 -5.05 -6.52
N ILE A 105 -13.50 -5.39 -5.25
CA ILE A 105 -14.21 -6.55 -4.71
C ILE A 105 -15.69 -6.19 -4.58
N THR A 106 -15.95 -4.95 -4.18
CA THR A 106 -17.33 -4.45 -4.02
C THR A 106 -18.09 -4.55 -5.33
N GLU A 107 -17.42 -4.24 -6.44
CA GLU A 107 -18.04 -4.27 -7.75
C GLU A 107 -17.87 -5.59 -8.49
N GLY A 108 -17.28 -6.57 -7.82
CA GLY A 108 -17.07 -7.88 -8.42
C GLY A 108 -16.12 -7.87 -9.61
N ILE A 109 -15.35 -6.80 -9.74
CA ILE A 109 -14.42 -6.65 -10.86
C ILE A 109 -13.27 -7.66 -10.85
N ILE A 110 -12.74 -7.97 -9.67
CA ILE A 110 -11.63 -8.92 -9.58
C ILE A 110 -12.03 -10.23 -8.90
N THR A 111 -13.34 -10.47 -8.84
CA THR A 111 -13.88 -11.69 -8.23
C THR A 111 -14.85 -12.38 -9.18
N ASN A 112 -14.60 -12.24 -10.47
CA ASN A 112 -15.43 -12.84 -11.52
C ASN A 112 -16.93 -12.59 -11.34
N GLY A 113 -17.28 -11.36 -11.03
CA GLY A 113 -18.68 -11.00 -10.91
C GLY A 113 -19.33 -11.20 -9.55
N ASN A 114 -18.58 -11.74 -8.59
CA ASN A 114 -19.11 -11.96 -7.25
C ASN A 114 -18.93 -10.68 -6.44
N LYS A 115 -20.00 -9.88 -6.41
CA LYS A 115 -19.96 -8.61 -5.68
C LYS A 115 -20.06 -8.79 -4.18
N VAL A 116 -19.00 -8.39 -3.48
CA VAL A 116 -18.97 -8.46 -2.02
C VAL A 116 -18.63 -7.07 -1.52
N PRO A 117 -19.66 -6.27 -1.20
CA PRO A 117 -19.46 -4.90 -0.71
C PRO A 117 -18.53 -4.81 0.49
N MET A 118 -17.61 -3.86 0.44
CA MET A 118 -16.66 -3.65 1.53
C MET A 118 -16.58 -2.17 1.86
N TYR A 119 -16.15 -1.86 3.08
CA TYR A 119 -15.99 -0.48 3.50
C TYR A 119 -14.53 -0.22 3.85
N VAL A 120 -14.01 0.89 3.34
CA VAL A 120 -12.66 1.32 3.64
C VAL A 120 -12.86 2.13 4.92
N LEU A 121 -12.16 1.73 5.97
CA LEU A 121 -12.32 2.35 7.29
C LEU A 121 -11.16 3.21 7.76
N ALA A 122 -9.96 2.86 7.33
CA ALA A 122 -8.79 3.62 7.75
C ALA A 122 -7.57 3.28 6.93
N GLN A 123 -6.66 4.25 6.79
CA GLN A 123 -5.41 4.02 6.10
C GLN A 123 -4.51 3.52 7.22
N LEU A 124 -3.79 2.43 6.95
CA LEU A 124 -2.93 1.85 7.96
C LEU A 124 -1.55 2.48 8.07
N ILE A 125 -1.04 2.94 6.93
CA ILE A 125 0.33 3.43 6.89
C ILE A 125 0.62 4.20 5.60
N THR A 126 1.74 4.91 5.59
CA THR A 126 2.22 5.60 4.40
C THR A 126 3.71 5.25 4.32
N GLN A 127 4.21 5.14 3.09
CA GLN A 127 5.61 4.83 2.81
C GLN A 127 6.02 3.42 3.24
N GLY A 128 7.30 3.11 3.15
CA GLY A 128 7.74 1.76 3.49
C GLY A 128 7.74 0.92 2.23
N ASN A 129 7.61 1.57 1.07
CA ASN A 129 7.60 0.89 -0.22
C ASN A 129 8.73 1.48 -1.08
N GLY A 130 9.16 0.74 -2.10
CA GLY A 130 10.22 1.24 -2.95
C GLY A 130 10.45 0.37 -4.17
N ILE A 131 11.25 0.88 -5.11
N ILE A 131 11.25 0.88 -5.11
CA ILE A 131 11.55 0.16 -6.34
CA ILE A 131 11.55 0.15 -6.33
C ILE A 131 13.00 -0.32 -6.34
C ILE A 131 13.00 -0.32 -6.34
N ALA A 132 13.19 -1.62 -6.44
CA ALA A 132 14.52 -2.22 -6.46
C ALA A 132 14.92 -2.50 -7.91
N VAL A 133 16.22 -2.38 -8.19
CA VAL A 133 16.73 -2.60 -9.54
C VAL A 133 17.97 -3.49 -9.49
N ALA A 134 18.12 -4.34 -10.50
CA ALA A 134 19.25 -5.27 -10.58
C ALA A 134 20.58 -4.55 -10.78
N PRO A 135 21.68 -5.15 -10.29
CA PRO A 135 23.04 -4.60 -10.38
C PRO A 135 23.53 -4.26 -11.78
N MET A 136 23.11 -5.03 -12.78
CA MET A 136 23.54 -4.80 -14.16
C MET A 136 23.14 -3.44 -14.70
N HIS A 137 22.21 -2.78 -14.02
CA HIS A 137 21.74 -1.48 -14.46
C HIS A 137 22.40 -0.32 -13.72
N GLU A 138 23.36 -0.64 -12.86
CA GLU A 138 24.06 0.38 -12.11
C GLU A 138 24.85 1.27 -13.06
N GLY A 139 24.94 2.55 -12.72
CA GLY A 139 25.67 3.50 -13.55
C GLY A 139 25.01 3.86 -14.86
N LYS A 140 23.73 3.53 -15.01
CA LYS A 140 22.99 3.82 -16.25
C LYS A 140 22.01 4.96 -16.10
N GLY A 141 21.88 5.49 -14.88
CA GLY A 141 20.95 6.58 -14.65
C GLY A 141 19.56 6.10 -14.30
N VAL A 142 19.43 4.83 -13.93
CA VAL A 142 18.15 4.26 -13.56
C VAL A 142 17.95 4.49 -12.06
N ASN A 143 17.66 5.73 -11.70
CA ASN A 143 17.47 6.10 -10.30
C ASN A 143 16.05 6.64 -10.11
N LEU A 144 15.86 7.71 -9.34
CA LEU A 144 14.51 8.21 -9.14
C LEU A 144 13.90 8.71 -10.45
N ASP A 145 14.65 9.54 -11.16
CA ASP A 145 14.22 10.08 -12.45
C ASP A 145 14.99 9.32 -13.53
N ILE A 146 14.30 8.42 -14.24
CA ILE A 146 14.95 7.61 -15.28
C ILE A 146 14.92 8.19 -16.69
N THR A 147 14.57 9.46 -16.82
CA THR A 147 14.49 10.11 -18.12
C THR A 147 15.67 9.84 -19.06
N LYS A 148 16.89 10.05 -18.56
CA LYS A 148 18.08 9.83 -19.37
C LYS A 148 18.36 8.37 -19.72
N ALA A 149 17.75 7.46 -18.95
CA ALA A 149 17.94 6.03 -19.19
C ALA A 149 16.78 5.41 -19.95
N ALA A 150 15.81 6.24 -20.34
CA ALA A 150 14.64 5.73 -21.06
C ALA A 150 14.96 4.94 -22.33
N ASP A 151 15.83 5.46 -23.18
CA ASP A 151 16.16 4.75 -24.40
C ASP A 151 16.89 3.44 -24.12
N TYR A 152 17.70 3.44 -23.07
CA TYR A 152 18.44 2.25 -22.66
C TYR A 152 17.43 1.16 -22.28
N ILE A 153 16.43 1.54 -21.49
CA ILE A 153 15.40 0.60 -21.07
C ILE A 153 14.53 0.11 -22.23
N LYS A 154 14.10 1.05 -23.07
CA LYS A 154 13.25 0.72 -24.20
C LYS A 154 13.91 -0.18 -25.25
N GLY A 155 15.23 -0.07 -25.40
CA GLY A 155 15.91 -0.88 -26.38
C GLY A 155 16.66 -2.06 -25.80
N PHE A 156 16.30 -2.45 -24.58
CA PHE A 156 16.97 -3.55 -23.89
C PHE A 156 16.93 -4.88 -24.64
N ASN A 157 15.88 -5.15 -25.39
CA ASN A 157 15.82 -6.42 -26.12
C ASN A 157 16.91 -6.49 -27.17
N LYS A 158 17.05 -5.42 -27.96
CA LYS A 158 18.05 -5.38 -29.01
C LYS A 158 19.47 -5.41 -28.45
N THR A 159 19.71 -4.66 -27.38
CA THR A 159 21.04 -4.58 -26.79
C THR A 159 21.43 -5.68 -25.80
N ASN A 160 20.45 -6.19 -25.06
CA ASN A 160 20.76 -7.20 -24.05
C ASN A 160 20.07 -8.56 -24.17
N GLY A 161 19.23 -8.74 -25.19
CA GLY A 161 18.60 -10.02 -25.40
C GLY A 161 17.22 -10.30 -24.81
N ARG A 162 16.66 -9.34 -24.11
CA ARG A 162 15.33 -9.50 -23.54
C ARG A 162 14.74 -8.13 -23.27
N LYS A 163 13.41 -8.07 -23.21
CA LYS A 163 12.76 -6.81 -22.89
C LYS A 163 13.02 -6.58 -21.40
N PHE A 164 13.19 -5.33 -21.01
CA PHE A 164 13.41 -4.99 -19.61
C PHE A 164 12.25 -5.66 -18.87
N LYS A 165 12.57 -6.45 -17.84
CA LYS A 165 11.53 -7.17 -17.08
C LYS A 165 11.37 -6.64 -15.67
N ALA A 166 10.14 -6.27 -15.31
CA ALA A 166 9.86 -5.74 -13.98
C ALA A 166 8.65 -6.44 -13.37
N ALA A 167 8.58 -6.48 -12.05
CA ALA A 167 7.47 -7.15 -11.41
C ALA A 167 6.95 -6.51 -10.12
N HIS A 168 5.70 -6.86 -9.83
CA HIS A 168 4.99 -6.45 -8.62
C HIS A 168 4.28 -7.74 -8.26
N THR A 169 3.60 -7.81 -7.11
CA THR A 169 2.94 -9.06 -6.73
C THR A 169 1.44 -9.17 -6.95
N PHE A 170 0.82 -8.15 -7.50
CA PHE A 170 -0.61 -8.20 -7.77
C PHE A 170 -0.98 -7.05 -8.69
N PRO A 171 -1.62 -7.34 -9.82
CA PRO A 171 -1.98 -6.26 -10.74
C PRO A 171 -3.07 -5.29 -10.32
N ASN A 172 -2.98 -4.09 -10.87
CA ASN A 172 -3.96 -3.03 -10.67
C ASN A 172 -4.12 -2.43 -9.29
N VAL A 173 -3.09 -2.54 -8.44
CA VAL A 173 -3.17 -2.00 -7.10
C VAL A 173 -1.85 -1.29 -6.76
N ASN A 174 -1.78 -0.72 -5.55
CA ASN A 174 -0.61 0.03 -5.08
C ASN A 174 0.73 -0.16 -5.77
N GLN A 175 1.39 -1.27 -5.50
CA GLN A 175 2.72 -1.48 -6.05
C GLN A 175 2.82 -1.50 -7.56
N ASP A 176 1.76 -1.91 -8.26
CA ASP A 176 1.73 -1.89 -9.71
C ASP A 176 1.74 -0.40 -10.08
N PHE A 177 0.89 0.38 -9.41
CA PHE A 177 0.81 1.83 -9.66
C PHE A 177 2.13 2.55 -9.41
N TRP A 178 2.80 2.23 -8.30
CA TRP A 178 4.05 2.91 -7.98
C TRP A 178 5.10 2.78 -9.08
N ILE A 179 5.35 1.55 -9.50
CA ILE A 179 6.37 1.32 -10.52
C ILE A 179 5.93 1.83 -11.89
N ARG A 180 4.63 1.79 -12.17
CA ARG A 180 4.13 2.31 -13.44
C ARG A 180 4.35 3.82 -13.47
N TYR A 181 4.07 4.50 -12.36
CA TYR A 181 4.25 5.95 -12.29
C TYR A 181 5.72 6.30 -12.50
N TRP A 182 6.59 5.57 -11.81
CA TRP A 182 8.03 5.78 -11.89
C TRP A 182 8.53 5.58 -13.33
N PHE A 183 8.12 4.50 -13.97
CA PHE A 183 8.52 4.25 -15.35
C PHE A 183 8.03 5.34 -16.29
N ALA A 184 6.73 5.61 -16.25
CA ALA A 184 6.10 6.60 -17.12
C ALA A 184 6.60 8.02 -16.93
N ALA A 185 6.98 8.36 -15.70
CA ALA A 185 7.46 9.70 -15.43
C ALA A 185 8.77 9.95 -16.17
N GLY A 186 9.49 8.88 -16.45
CA GLY A 186 10.77 8.98 -17.14
C GLY A 186 10.69 8.72 -18.63
N GLY A 187 9.49 8.53 -19.16
CA GLY A 187 9.34 8.29 -20.59
C GLY A 187 9.26 6.84 -21.03
N VAL A 188 9.13 5.92 -20.09
CA VAL A 188 9.03 4.50 -20.41
C VAL A 188 7.60 4.03 -20.22
N ASP A 189 6.99 3.51 -21.28
CA ASP A 189 5.61 3.01 -21.22
C ASP A 189 5.65 1.62 -20.58
N PRO A 190 5.09 1.48 -19.37
CA PRO A 190 5.08 0.19 -18.66
C PRO A 190 4.32 -0.94 -19.32
N ASP A 191 3.49 -0.63 -20.32
CA ASP A 191 2.74 -1.67 -21.00
C ASP A 191 3.37 -2.07 -22.32
N THR A 192 3.87 -1.10 -23.06
CA THR A 192 4.46 -1.38 -24.38
C THR A 192 5.97 -1.50 -24.46
N ASP A 193 6.70 -0.78 -23.61
CA ASP A 193 8.16 -0.81 -23.68
C ASP A 193 8.87 -1.86 -22.85
N ILE A 194 8.16 -2.47 -21.90
CA ILE A 194 8.77 -3.48 -21.04
C ILE A 194 7.81 -4.63 -20.78
N ASP A 195 8.29 -5.59 -19.98
CA ASP A 195 7.48 -6.73 -19.58
C ASP A 195 7.20 -6.53 -18.09
N LEU A 196 6.03 -5.98 -17.77
CA LEU A 196 5.65 -5.76 -16.37
C LEU A 196 4.74 -6.92 -15.97
N LEU A 197 5.25 -7.79 -15.10
CA LEU A 197 4.52 -8.98 -14.68
C LEU A 197 4.16 -9.06 -13.20
N ALA A 198 3.17 -9.92 -12.90
CA ALA A 198 2.76 -10.17 -11.52
C ALA A 198 3.54 -11.44 -11.16
N VAL A 199 4.44 -11.35 -10.19
CA VAL A 199 5.26 -12.47 -9.78
C VAL A 199 5.43 -12.51 -8.26
N PRO A 200 5.43 -13.71 -7.65
CA PRO A 200 5.59 -13.80 -6.19
C PRO A 200 6.90 -13.11 -5.78
N PRO A 201 6.92 -12.51 -4.58
CA PRO A 201 8.13 -11.81 -4.09
C PRO A 201 9.42 -12.62 -4.03
N ALA A 202 9.37 -13.82 -3.45
CA ALA A 202 10.57 -14.64 -3.34
C ALA A 202 11.10 -15.02 -4.72
N GLU A 203 10.18 -15.37 -5.62
CA GLU A 203 10.53 -15.74 -6.98
C GLU A 203 11.16 -14.56 -7.70
N THR A 204 10.63 -13.37 -7.46
CA THR A 204 11.14 -12.16 -8.08
C THR A 204 12.56 -11.88 -7.63
N VAL A 205 12.80 -11.96 -6.32
CA VAL A 205 14.12 -11.70 -5.78
C VAL A 205 15.10 -12.73 -6.32
N GLN A 206 14.64 -13.98 -6.45
CA GLN A 206 15.49 -15.04 -6.97
C GLN A 206 15.86 -14.68 -8.41
N GLY A 207 14.89 -14.17 -9.15
CA GLY A 207 15.13 -13.77 -10.52
C GLY A 207 16.16 -12.67 -10.61
N MET A 208 16.14 -11.74 -9.66
CA MET A 208 17.10 -10.66 -9.65
C MET A 208 18.49 -11.22 -9.41
N ARG A 209 18.58 -12.18 -8.50
CA ARG A 209 19.87 -12.81 -8.20
C ARG A 209 20.38 -13.59 -9.40
N ASN A 210 19.47 -14.19 -10.16
CA ASN A 210 19.83 -14.98 -11.34
C ASN A 210 20.11 -14.14 -12.57
N GLY A 211 19.81 -12.84 -12.49
CA GLY A 211 20.05 -11.96 -13.62
C GLY A 211 18.95 -11.98 -14.67
N THR A 212 17.77 -12.45 -14.29
CA THR A 212 16.65 -12.53 -15.23
C THR A 212 15.53 -11.53 -14.95
N MET A 213 15.60 -10.85 -13.82
CA MET A 213 14.59 -9.86 -13.42
C MET A 213 15.32 -8.52 -13.26
N ASP A 214 14.79 -7.48 -13.89
CA ASP A 214 15.43 -6.16 -13.87
C ASP A 214 14.97 -5.17 -12.82
N ALA A 215 13.69 -5.19 -12.46
CA ALA A 215 13.17 -4.27 -11.46
C ALA A 215 12.06 -4.94 -10.67
N PHE A 216 11.87 -4.48 -9.44
CA PHE A 216 10.89 -5.06 -8.52
C PHE A 216 10.22 -3.97 -7.68
N SER A 217 8.91 -3.84 -7.79
CA SER A 217 8.18 -2.86 -6.99
C SER A 217 7.87 -3.59 -5.70
N THR A 218 8.52 -3.20 -4.60
CA THR A 218 8.34 -3.90 -3.35
C THR A 218 8.23 -3.00 -2.12
N GLY A 219 8.52 -3.56 -0.95
CA GLY A 219 8.45 -2.78 0.27
C GLY A 219 9.10 -3.49 1.44
N ASP A 220 9.29 -2.77 2.54
CA ASP A 220 9.93 -3.34 3.72
C ASP A 220 9.21 -4.59 4.21
N PRO A 221 9.98 -5.60 4.65
CA PRO A 221 11.44 -5.67 4.75
C PRO A 221 12.29 -6.08 3.53
N TRP A 222 11.71 -6.12 2.34
CA TRP A 222 12.49 -6.53 1.17
C TRP A 222 13.70 -5.67 0.80
N PRO A 223 13.54 -4.33 0.75
CA PRO A 223 14.68 -3.48 0.38
C PRO A 223 15.99 -3.74 1.16
N TYR A 224 15.88 -3.90 2.47
CA TYR A 224 17.07 -4.14 3.28
C TYR A 224 17.81 -5.38 2.81
N ARG A 225 17.07 -6.47 2.62
CA ARG A 225 17.69 -7.72 2.18
C ARG A 225 18.30 -7.62 0.79
N ILE A 226 17.55 -7.04 -0.14
CA ILE A 226 18.03 -6.90 -1.51
C ILE A 226 19.37 -6.17 -1.57
N VAL A 227 19.50 -5.08 -0.83
CA VAL A 227 20.72 -4.31 -0.84
C VAL A 227 21.86 -4.94 -0.03
N THR A 228 21.56 -5.39 1.19
CA THR A 228 22.60 -5.98 2.03
C THR A 228 23.15 -7.30 1.50
N GLU A 229 22.34 -8.01 0.72
CA GLU A 229 22.76 -9.27 0.14
C GLU A 229 23.30 -9.08 -1.27
N ASN A 230 23.49 -7.83 -1.64
CA ASN A 230 24.00 -7.45 -2.96
C ASN A 230 23.20 -8.01 -4.13
N ILE A 231 21.87 -8.09 -3.95
CA ILE A 231 20.99 -8.60 -4.98
C ILE A 231 20.59 -7.48 -5.94
N GLY A 232 20.64 -6.24 -5.45
CA GLY A 232 20.30 -5.10 -6.26
C GLY A 232 20.38 -3.82 -5.46
N TYR A 233 19.90 -2.72 -6.04
CA TYR A 233 19.91 -1.44 -5.35
C TYR A 233 18.52 -0.83 -5.40
N MET A 234 18.31 0.24 -4.65
CA MET A 234 17.00 0.90 -4.65
C MET A 234 17.03 2.14 -5.53
N ALA A 235 16.25 2.12 -6.61
CA ALA A 235 16.18 3.25 -7.51
C ALA A 235 15.53 4.42 -6.80
N GLY A 236 14.53 4.10 -5.99
CA GLY A 236 13.84 5.14 -5.24
C GLY A 236 12.78 4.60 -4.31
N LEU A 237 12.45 5.36 -3.28
CA LEU A 237 11.42 4.97 -2.33
C LEU A 237 10.14 5.66 -2.74
N THR A 238 9.00 5.08 -2.39
CA THR A 238 7.74 5.72 -2.72
C THR A 238 7.66 7.03 -1.94
N ALA A 239 8.41 7.10 -0.84
CA ALA A 239 8.47 8.31 -0.01
C ALA A 239 9.06 9.46 -0.85
N GLN A 240 9.80 9.10 -1.88
CA GLN A 240 10.41 10.07 -2.78
C GLN A 240 9.50 10.36 -3.98
N ILE A 241 8.85 9.31 -4.49
CA ILE A 241 7.96 9.42 -5.63
C ILE A 241 6.75 10.29 -5.30
N TRP A 242 6.19 10.06 -4.12
CA TRP A 242 5.01 10.81 -3.68
C TRP A 242 5.07 10.84 -2.16
N PRO A 243 5.72 11.86 -1.60
CA PRO A 243 5.83 11.95 -0.14
C PRO A 243 4.50 11.82 0.62
N TYR A 244 4.50 10.95 1.63
CA TYR A 244 3.33 10.74 2.47
C TYR A 244 2.11 10.30 1.68
N HIS A 245 2.35 9.53 0.63
CA HIS A 245 1.30 9.02 -0.24
C HIS A 245 0.38 8.04 0.47
N PRO A 246 -0.88 7.93 -0.01
CA PRO A 246 -1.82 6.99 0.61
C PRO A 246 -1.25 5.60 0.28
N GLU A 247 -1.41 4.64 1.18
CA GLU A 247 -0.85 3.31 0.91
C GLU A 247 -1.79 2.14 1.24
N GLU A 248 -1.52 1.45 2.34
CA GLU A 248 -2.33 0.29 2.74
C GLU A 248 -3.52 0.72 3.58
N TYR A 249 -4.62 -0.03 3.48
CA TYR A 249 -5.83 0.30 4.22
C TYR A 249 -6.53 -0.85 4.92
N LEU A 250 -7.30 -0.51 5.94
CA LEU A 250 -8.11 -1.48 6.66
C LEU A 250 -9.48 -1.41 6.00
N ALA A 251 -10.01 -2.55 5.59
CA ALA A 251 -11.34 -2.58 4.98
C ALA A 251 -12.02 -3.84 5.49
N ILE A 252 -13.31 -3.74 5.76
CA ILE A 252 -14.08 -4.87 6.25
C ILE A 252 -15.37 -5.00 5.44
N ARG A 253 -15.87 -6.22 5.30
CA ARG A 253 -17.09 -6.46 4.54
C ARG A 253 -18.21 -5.59 5.09
N ALA A 254 -19.00 -5.00 4.19
CA ALA A 254 -20.11 -4.15 4.58
C ALA A 254 -21.18 -4.89 5.37
N ASP A 255 -21.43 -6.16 5.05
CA ASP A 255 -22.44 -6.87 5.80
C ASP A 255 -22.03 -7.08 7.26
N TRP A 256 -20.74 -7.23 7.50
CA TRP A 256 -20.24 -7.39 8.87
C TRP A 256 -20.36 -6.06 9.60
N VAL A 257 -19.91 -4.98 8.95
CA VAL A 257 -19.97 -3.65 9.56
C VAL A 257 -21.40 -3.17 9.82
N ASP A 258 -22.29 -3.40 8.87
CA ASP A 258 -23.68 -2.97 9.05
C ASP A 258 -24.32 -3.70 10.23
N LYS A 259 -23.94 -4.95 10.44
CA LYS A 259 -24.49 -5.75 11.53
C LYS A 259 -23.83 -5.44 12.87
N ASN A 260 -22.54 -5.08 12.82
CA ASN A 260 -21.78 -4.77 14.03
C ASN A 260 -21.18 -3.37 14.02
N PRO A 261 -22.01 -2.33 14.01
CA PRO A 261 -21.49 -0.95 13.99
C PRO A 261 -20.64 -0.58 15.20
N LYS A 262 -21.06 -1.00 16.38
CA LYS A 262 -20.29 -0.68 17.59
C LYS A 262 -18.94 -1.39 17.58
N ALA A 263 -18.94 -2.66 17.18
CA ALA A 263 -17.69 -3.44 17.13
C ALA A 263 -16.74 -2.83 16.10
N THR A 264 -17.30 -2.30 15.01
CA THR A 264 -16.49 -1.70 13.97
C THR A 264 -15.74 -0.48 14.53
N LYS A 265 -16.47 0.38 15.25
CA LYS A 265 -15.84 1.56 15.83
C LYS A 265 -14.82 1.17 16.90
N ALA A 266 -15.09 0.08 17.62
CA ALA A 266 -14.16 -0.39 18.64
C ALA A 266 -12.85 -0.81 17.96
N LEU A 267 -12.96 -1.48 16.84
CA LEU A 267 -11.79 -1.91 16.10
C LEU A 267 -10.99 -0.69 15.62
N LEU A 268 -11.70 0.33 15.14
CA LEU A 268 -11.03 1.54 14.66
C LEU A 268 -10.25 2.22 15.79
N LYS A 269 -10.85 2.29 16.98
CA LYS A 269 -10.17 2.92 18.11
C LYS A 269 -8.91 2.14 18.46
N GLY A 270 -8.99 0.82 18.45
CA GLY A 270 -7.82 0.01 18.74
C GLY A 270 -6.73 0.28 17.72
N ILE A 271 -7.11 0.34 16.44
CA ILE A 271 -6.15 0.61 15.38
C ILE A 271 -5.51 1.99 15.58
N MET A 272 -6.32 3.00 15.86
CA MET A 272 -5.81 4.35 16.07
C MET A 272 -4.77 4.41 17.20
N GLU A 273 -5.09 3.80 18.32
CA GLU A 273 -4.15 3.80 19.44
C GLU A 273 -2.87 3.07 19.06
N ALA A 274 -3.00 1.97 18.32
CA ALA A 274 -1.83 1.22 17.89
C ALA A 274 -0.95 2.06 16.98
N GLN A 275 -1.58 2.81 16.07
CA GLN A 275 -0.82 3.66 15.15
C GLN A 275 -0.08 4.75 15.90
N GLN A 276 -0.76 5.35 16.88
CA GLN A 276 -0.16 6.40 17.69
C GLN A 276 1.04 5.83 18.45
N TRP A 277 0.86 4.62 18.97
CA TRP A 277 1.91 3.94 19.74
C TRP A 277 3.12 3.61 18.87
N ILE A 278 2.87 3.11 17.66
CA ILE A 278 3.94 2.75 16.74
C ILE A 278 4.80 3.93 16.31
N ASP A 279 4.19 5.10 16.14
CA ASP A 279 4.94 6.27 15.70
C ASP A 279 5.85 6.92 16.73
N ASP A 280 5.72 6.52 17.99
CA ASP A 280 6.60 7.05 19.04
C ASP A 280 7.89 6.24 18.91
N PRO A 281 8.99 6.89 18.54
CA PRO A 281 10.28 6.20 18.37
C PRO A 281 10.66 5.27 19.52
N LYS A 282 10.30 5.67 20.74
CA LYS A 282 10.61 4.88 21.93
C LYS A 282 10.02 3.48 21.87
N ASN A 283 8.89 3.33 21.18
CA ASN A 283 8.23 2.03 21.10
C ASN A 283 8.62 1.20 19.88
N ARG A 284 9.36 1.78 18.95
CA ARG A 284 9.69 1.02 17.74
C ARG A 284 10.55 -0.22 17.93
N PRO A 285 11.47 -0.23 18.91
CA PRO A 285 12.24 -1.47 19.04
C PRO A 285 11.26 -2.61 19.39
N GLU A 286 10.31 -2.34 20.27
CA GLU A 286 9.34 -3.36 20.64
C GLU A 286 8.44 -3.69 19.44
N VAL A 287 8.05 -2.69 18.67
CA VAL A 287 7.21 -2.94 17.49
C VAL A 287 7.94 -3.93 16.57
N VAL A 288 9.21 -3.64 16.30
CA VAL A 288 10.01 -4.50 15.44
C VAL A 288 10.11 -5.92 16.01
N GLN A 289 10.36 -6.03 17.30
CA GLN A 289 10.49 -7.32 17.96
C GLN A 289 9.20 -8.14 17.82
N ILE A 290 8.06 -7.49 18.03
CA ILE A 290 6.78 -8.18 17.95
C ILE A 290 6.43 -8.64 16.54
N VAL A 291 6.49 -7.74 15.56
CA VAL A 291 6.12 -8.14 14.21
C VAL A 291 7.08 -9.14 13.56
N SER A 292 8.33 -9.14 14.00
N SER A 292 8.34 -9.13 14.00
CA SER A 292 9.33 -10.05 13.44
CA SER A 292 9.34 -10.04 13.46
C SER A 292 9.23 -11.45 14.04
C SER A 292 9.24 -11.44 14.05
N GLY A 293 8.45 -11.57 15.12
CA GLY A 293 8.29 -12.86 15.79
C GLY A 293 7.83 -14.03 14.96
N ARG A 294 8.18 -15.24 15.42
CA ARG A 294 7.83 -16.48 14.75
C ARG A 294 6.35 -16.62 14.39
N ASN A 295 5.47 -16.08 15.23
CA ASN A 295 4.05 -16.20 14.96
C ASN A 295 3.49 -15.13 14.03
N TYR A 296 4.38 -14.26 13.55
CA TYR A 296 3.98 -13.22 12.62
C TYR A 296 4.91 -13.24 11.40
N PHE A 297 5.72 -12.21 11.19
CA PHE A 297 6.60 -12.20 10.02
C PHE A 297 7.62 -13.34 10.03
N ASN A 298 8.10 -13.69 11.22
CA ASN A 298 9.09 -14.76 11.38
C ASN A 298 10.37 -14.46 10.61
N VAL A 299 10.97 -13.31 10.92
CA VAL A 299 12.22 -12.90 10.26
C VAL A 299 13.15 -12.26 11.30
N PRO A 300 14.44 -12.16 10.98
CA PRO A 300 15.40 -11.56 11.91
C PRO A 300 15.07 -10.08 12.10
N THR A 301 15.05 -9.60 13.34
CA THR A 301 14.73 -8.21 13.59
C THR A 301 15.68 -7.25 12.87
N THR A 302 16.91 -7.70 12.64
CA THR A 302 17.90 -6.87 11.97
C THR A 302 17.43 -6.30 10.63
N ILE A 303 16.67 -7.08 9.88
CA ILE A 303 16.22 -6.61 8.57
C ILE A 303 15.12 -5.54 8.63
N LEU A 304 14.57 -5.29 9.82
CA LEU A 304 13.52 -4.28 9.97
C LEU A 304 13.94 -3.10 10.84
N GLU A 305 14.98 -3.28 11.64
CA GLU A 305 15.44 -2.22 12.52
C GLU A 305 15.77 -0.91 11.82
N SER A 306 16.58 -0.98 10.77
CA SER A 306 16.98 0.21 10.01
C SER A 306 15.81 0.98 9.39
N PRO A 307 14.96 0.31 8.61
CA PRO A 307 13.83 1.00 7.99
C PRO A 307 12.89 1.67 8.99
N PHE A 308 12.76 1.11 10.18
CA PHE A 308 11.89 1.69 11.18
C PHE A 308 12.49 2.94 11.81
N LYS A 309 13.68 3.31 11.33
CA LYS A 309 14.36 4.52 11.78
C LYS A 309 14.45 5.44 10.56
N GLY A 310 13.89 4.97 9.46
CA GLY A 310 13.93 5.75 8.23
C GLY A 310 15.32 5.72 7.62
N GLN A 311 16.04 4.62 7.84
CA GLN A 311 17.39 4.46 7.31
C GLN A 311 17.41 3.44 6.20
N TYR A 312 17.85 3.87 5.02
CA TYR A 312 17.92 3.00 3.85
C TYR A 312 19.21 3.20 3.09
N THR A 313 19.87 2.10 2.73
CA THR A 313 21.07 2.18 1.91
C THR A 313 20.47 2.06 0.51
N MET A 314 20.69 3.07 -0.33
CA MET A 314 20.12 3.07 -1.67
C MET A 314 20.98 2.45 -2.76
N GLY A 315 22.30 2.57 -2.64
CA GLY A 315 23.17 1.99 -3.64
C GLY A 315 23.28 2.77 -4.94
N ASP A 316 23.94 2.15 -5.92
CA ASP A 316 24.19 2.75 -7.23
C ASP A 316 24.86 4.11 -7.08
N GLY A 317 25.75 4.20 -6.10
CA GLY A 317 26.49 5.43 -5.86
C GLY A 317 25.68 6.61 -5.34
N GLN A 318 24.43 6.36 -4.98
CA GLN A 318 23.57 7.42 -4.45
C GLN A 318 23.68 7.48 -2.94
N PRO A 319 23.46 8.67 -2.35
CA PRO A 319 23.55 8.79 -0.89
C PRO A 319 22.51 7.98 -0.15
N ALA A 320 22.88 7.50 1.04
CA ALA A 320 21.97 6.73 1.86
C ALA A 320 20.95 7.68 2.46
N ILE A 321 19.81 7.14 2.85
CA ILE A 321 18.76 7.94 3.47
C ILE A 321 18.74 7.67 4.97
N ASP A 322 18.66 8.74 5.75
CA ASP A 322 18.60 8.64 7.21
C ASP A 322 17.66 9.74 7.65
N ASP A 323 16.36 9.46 7.56
CA ASP A 323 15.33 10.44 7.89
C ASP A 323 14.08 9.70 8.34
N PHE A 324 13.70 9.90 9.60
CA PHE A 324 12.52 9.25 10.16
C PHE A 324 11.29 9.52 9.30
N GLN A 325 11.22 10.73 8.75
CA GLN A 325 10.08 11.14 7.92
C GLN A 325 10.00 10.41 6.58
N LYS A 326 11.06 9.71 6.21
CA LYS A 326 11.06 8.98 4.94
C LYS A 326 10.80 7.49 5.14
N GLY A 327 10.63 7.09 6.40
CA GLY A 327 10.36 5.70 6.70
C GLY A 327 8.86 5.51 6.83
N PRO A 328 8.40 4.32 7.24
CA PRO A 328 6.97 4.10 7.37
C PRO A 328 6.39 4.96 8.50
N LEU A 329 5.22 5.54 8.26
CA LEU A 329 4.54 6.37 9.26
C LEU A 329 3.11 5.84 9.36
N TYR A 330 2.61 5.76 10.59
CA TYR A 330 1.29 5.20 10.83
C TYR A 330 0.19 6.09 11.41
N TRP A 331 0.56 7.23 12.00
CA TRP A 331 -0.45 8.11 12.59
C TRP A 331 -0.45 9.51 12.00
N LYS A 332 0.70 10.18 12.02
CA LYS A 332 0.80 11.54 11.47
C LYS A 332 1.98 11.62 10.51
N ASP A 333 1.78 12.34 9.40
CA ASP A 333 2.86 12.52 8.43
C ASP A 333 3.11 14.02 8.27
N GLY A 334 3.95 14.38 7.31
CA GLY A 334 4.26 15.78 7.11
C GLY A 334 3.15 16.67 6.59
N ILE A 335 2.07 16.05 6.11
CA ILE A 335 0.94 16.79 5.56
C ILE A 335 -0.27 16.80 6.48
N GLY A 336 -0.60 15.64 7.02
CA GLY A 336 -1.75 15.56 7.91
C GLY A 336 -1.81 14.23 8.63
N ASN A 337 -3.03 13.75 8.89
CA ASN A 337 -3.20 12.48 9.57
C ASN A 337 -3.10 11.33 8.58
N VAL A 338 -2.35 10.30 8.96
CA VAL A 338 -2.16 9.13 8.11
C VAL A 338 -3.39 8.23 8.10
N SER A 339 -3.87 7.93 9.30
CA SER A 339 -5.00 7.02 9.48
C SER A 339 -6.31 7.43 8.80
N TYR A 340 -6.65 8.72 8.87
CA TYR A 340 -7.90 9.17 8.24
C TYR A 340 -7.89 8.83 6.75
N PRO A 341 -8.93 8.14 6.26
CA PRO A 341 -8.99 7.78 4.84
C PRO A 341 -9.61 8.89 3.97
N TYR A 342 -8.78 9.75 3.41
CA TYR A 342 -9.27 10.83 2.56
C TYR A 342 -9.89 10.29 1.28
N LYS A 343 -11.10 10.74 0.97
CA LYS A 343 -11.76 10.30 -0.24
C LYS A 343 -10.99 10.75 -1.48
N SER A 344 -10.21 11.81 -1.35
CA SER A 344 -9.43 12.29 -2.47
C SER A 344 -8.35 11.26 -2.85
N HIS A 345 -7.97 10.42 -1.89
CA HIS A 345 -6.98 9.39 -2.16
C HIS A 345 -7.66 8.23 -2.88
N ASP A 346 -8.88 7.89 -2.47
CA ASP A 346 -9.61 6.82 -3.15
C ASP A 346 -9.73 7.26 -4.60
N LEU A 347 -10.02 8.54 -4.78
CA LEU A 347 -10.19 9.10 -6.12
C LEU A 347 -8.91 8.97 -6.95
N TRP A 348 -7.75 9.23 -6.34
CA TRP A 348 -6.53 9.09 -7.12
C TRP A 348 -6.36 7.63 -7.58
N PHE A 349 -6.59 6.67 -6.68
CA PHE A 349 -6.44 5.27 -7.07
C PHE A 349 -7.34 4.89 -8.23
N LEU A 350 -8.58 5.36 -8.23
CA LEU A 350 -9.47 5.03 -9.34
C LEU A 350 -9.13 5.85 -10.59
N THR A 351 -8.59 7.04 -10.40
CA THR A 351 -8.19 7.86 -11.53
C THR A 351 -6.98 7.24 -12.22
N GLU A 352 -6.04 6.72 -11.43
CA GLU A 352 -4.85 6.09 -11.98
C GLU A 352 -5.27 4.76 -12.63
N SER A 353 -6.34 4.16 -12.14
CA SER A 353 -6.83 2.92 -12.74
C SER A 353 -7.30 3.26 -14.15
N ILE A 354 -8.02 4.37 -14.25
CA ILE A 354 -8.53 4.85 -15.54
C ILE A 354 -7.34 5.23 -16.44
N ARG A 355 -6.31 5.81 -15.85
CA ARG A 355 -5.11 6.20 -16.59
C ARG A 355 -4.56 5.02 -17.40
N TRP A 356 -4.45 3.87 -16.77
CA TRP A 356 -3.91 2.69 -17.42
C TRP A 356 -4.93 1.82 -18.14
N GLY A 357 -6.15 2.32 -18.26
CA GLY A 357 -7.18 1.57 -18.95
C GLY A 357 -7.64 0.32 -18.22
N PHE A 358 -7.51 0.30 -16.90
CA PHE A 358 -7.94 -0.85 -16.12
C PHE A 358 -9.45 -0.86 -15.97
N HIS A 359 -10.05 -2.06 -16.03
CA HIS A 359 -11.48 -2.20 -15.85
C HIS A 359 -12.25 -1.22 -16.71
N LYS A 360 -12.00 -1.25 -18.01
CA LYS A 360 -12.63 -0.34 -18.97
C LYS A 360 -14.15 -0.28 -18.94
N ASN A 361 -14.79 -1.44 -18.83
CA ASN A 361 -16.25 -1.48 -18.80
C ASN A 361 -16.83 -1.14 -17.43
N ALA A 362 -16.20 -1.66 -16.38
CA ALA A 362 -16.67 -1.44 -15.01
C ALA A 362 -16.51 0.01 -14.53
N ILE A 363 -15.37 0.62 -14.87
CA ILE A 363 -15.11 2.00 -14.47
C ILE A 363 -14.74 2.79 -15.72
N PRO A 364 -15.76 3.11 -16.55
CA PRO A 364 -15.65 3.85 -17.81
C PRO A 364 -15.48 5.36 -17.71
N ASP A 365 -15.72 5.92 -16.53
CA ASP A 365 -15.58 7.36 -16.35
C ASP A 365 -15.35 7.75 -14.89
N LEU A 366 -14.99 9.01 -14.68
CA LEU A 366 -14.71 9.49 -13.34
C LEU A 366 -15.94 9.62 -12.46
N ASP A 367 -17.12 9.82 -13.07
CA ASP A 367 -18.32 9.92 -12.27
C ASP A 367 -18.62 8.56 -11.66
N THR A 368 -18.43 7.50 -12.44
CA THR A 368 -18.68 6.15 -11.93
C THR A 368 -17.70 5.87 -10.80
N ALA A 369 -16.45 6.32 -10.96
CA ALA A 369 -15.46 6.13 -9.92
C ALA A 369 -15.92 6.78 -8.64
N GLN A 370 -16.40 8.03 -8.73
CA GLN A 370 -16.85 8.72 -7.53
C GLN A 370 -18.03 8.01 -6.86
N LYS A 371 -18.92 7.45 -7.68
CA LYS A 371 -20.07 6.74 -7.13
C LYS A 371 -19.62 5.52 -6.33
N ILE A 372 -18.63 4.81 -6.85
CA ILE A 372 -18.09 3.63 -6.15
C ILE A 372 -17.44 4.07 -4.85
N ILE A 373 -16.68 5.17 -4.91
CA ILE A 373 -16.00 5.68 -3.72
C ILE A 373 -16.99 6.06 -2.63
N ASP A 374 -18.10 6.70 -3.01
CA ASP A 374 -19.08 7.09 -1.99
C ASP A 374 -19.76 5.90 -1.32
N LYS A 375 -19.74 4.73 -1.96
CA LYS A 375 -20.35 3.54 -1.36
C LYS A 375 -19.34 2.77 -0.50
N VAL A 376 -18.07 2.89 -0.87
CA VAL A 376 -16.99 2.17 -0.20
C VAL A 376 -16.27 2.90 0.92
N ASN A 377 -15.89 4.15 0.69
CA ASN A 377 -15.17 4.89 1.72
C ASN A 377 -16.08 5.31 2.86
N ARG A 378 -15.74 4.88 4.07
CA ARG A 378 -16.52 5.22 5.26
C ARG A 378 -15.72 6.09 6.23
N GLU A 379 -15.20 7.19 5.70
CA GLU A 379 -14.44 8.12 6.51
C GLU A 379 -15.29 8.65 7.66
N ASP A 380 -16.61 8.62 7.49
CA ASP A 380 -17.51 9.09 8.54
C ASP A 380 -17.39 8.24 9.80
N LEU A 381 -17.11 6.94 9.63
CA LEU A 381 -16.96 6.06 10.78
C LEU A 381 -15.63 6.33 11.48
N TRP A 382 -14.61 6.72 10.71
CA TRP A 382 -13.32 7.03 11.29
C TRP A 382 -13.52 8.27 12.16
N ARG A 383 -14.22 9.27 11.63
CA ARG A 383 -14.49 10.49 12.38
C ARG A 383 -15.25 10.18 13.67
N GLU A 384 -16.31 9.39 13.54
CA GLU A 384 -17.13 9.03 14.69
C GLU A 384 -16.33 8.29 15.77
N ALA A 385 -15.52 7.31 15.35
CA ALA A 385 -14.70 6.55 16.29
C ALA A 385 -13.68 7.44 16.98
N ALA A 386 -13.02 8.31 16.20
CA ALA A 386 -12.02 9.22 16.73
C ALA A 386 -12.67 10.14 17.77
N THR A 387 -13.86 10.62 17.47
CA THR A 387 -14.58 11.50 18.37
C THR A 387 -14.89 10.81 19.70
N GLU A 388 -15.47 9.62 19.61
CA GLU A 388 -15.83 8.85 20.80
C GLU A 388 -14.61 8.52 21.66
N ALA A 389 -13.46 8.31 21.01
CA ALA A 389 -12.24 7.95 21.71
C ALA A 389 -11.47 9.13 22.29
N GLY A 390 -11.87 10.34 21.93
CA GLY A 390 -11.20 11.52 22.44
C GLY A 390 -10.05 12.01 21.57
N PHE A 391 -10.09 11.67 20.28
CA PHE A 391 -9.04 12.10 19.36
C PHE A 391 -9.54 13.18 18.41
N THR A 392 -10.47 14.00 18.88
CA THR A 392 -11.04 15.07 18.05
C THR A 392 -9.99 16.03 17.48
N ALA A 393 -8.91 16.24 18.22
CA ALA A 393 -7.86 17.14 17.78
C ALA A 393 -7.13 16.62 16.54
N ASP A 394 -7.26 15.33 16.26
CA ASP A 394 -6.59 14.72 15.11
C ASP A 394 -7.47 14.54 13.88
N ILE A 395 -8.73 14.93 13.97
CA ILE A 395 -9.63 14.77 12.83
C ILE A 395 -9.43 15.83 11.75
N PRO A 396 -9.12 15.40 10.51
CA PRO A 396 -8.93 16.35 9.41
C PRO A 396 -10.20 17.14 9.14
N SER A 397 -10.05 18.39 8.73
CA SER A 397 -11.20 19.25 8.47
C SER A 397 -11.96 18.95 7.18
N SER A 398 -11.38 18.17 6.29
CA SER A 398 -12.01 17.87 5.01
C SER A 398 -11.85 16.42 4.58
N THR A 399 -12.62 16.01 3.58
CA THR A 399 -12.51 14.65 3.07
C THR A 399 -11.44 14.62 1.98
N SER A 400 -10.87 15.79 1.71
CA SER A 400 -9.81 15.92 0.70
C SER A 400 -8.54 16.47 1.34
N ARG A 401 -7.40 15.92 0.94
CA ARG A 401 -6.14 16.41 1.49
C ARG A 401 -5.59 17.50 0.58
N GLY A 402 -6.39 17.92 -0.39
CA GLY A 402 -5.98 18.97 -1.31
C GLY A 402 -5.15 18.48 -2.47
N VAL A 403 -4.47 19.41 -3.13
CA VAL A 403 -3.64 19.09 -4.28
C VAL A 403 -2.44 18.25 -3.85
N GLU A 404 -2.22 17.15 -4.58
CA GLU A 404 -1.10 16.26 -4.30
C GLU A 404 0.02 16.53 -5.30
N THR A 405 1.26 16.43 -4.83
CA THR A 405 2.42 16.71 -5.66
C THR A 405 3.38 15.53 -5.79
N PHE A 406 3.66 15.13 -7.02
CA PHE A 406 4.57 14.03 -7.28
C PHE A 406 5.98 14.56 -7.53
N PHE A 407 6.97 13.68 -7.43
CA PHE A 407 8.37 14.06 -7.59
C PHE A 407 8.73 14.69 -8.94
N ASP A 408 7.91 14.43 -9.96
CA ASP A 408 8.20 14.95 -11.29
C ASP A 408 7.45 16.24 -11.66
N GLY A 409 6.86 16.89 -10.66
CA GLY A 409 6.16 18.14 -10.92
C GLY A 409 4.68 18.02 -11.21
N ILE A 410 4.23 16.81 -11.54
CA ILE A 410 2.81 16.60 -11.83
C ILE A 410 2.00 16.78 -10.56
N THR A 411 0.82 17.40 -10.69
CA THR A 411 -0.03 17.59 -9.53
C THR A 411 -1.40 16.98 -9.77
N PHE A 412 -1.99 16.44 -8.72
CA PHE A 412 -3.32 15.85 -8.78
C PHE A 412 -4.23 16.70 -7.92
N ASP A 413 -5.15 17.41 -8.56
CA ASP A 413 -6.12 18.23 -7.84
C ASP A 413 -7.39 17.39 -7.79
N PRO A 414 -7.78 16.94 -6.59
CA PRO A 414 -8.98 16.11 -6.43
C PRO A 414 -10.23 16.75 -7.04
N ALA A 415 -10.23 18.08 -7.16
CA ALA A 415 -11.37 18.79 -7.72
C ALA A 415 -11.42 18.67 -9.24
N ASN A 416 -10.33 18.24 -9.85
CA ASN A 416 -10.29 18.11 -11.31
C ASN A 416 -9.36 16.98 -11.77
N PRO A 417 -9.79 15.73 -11.56
CA PRO A 417 -8.99 14.58 -11.97
C PRO A 417 -8.76 14.53 -13.49
N SER A 418 -9.68 15.11 -14.26
CA SER A 418 -9.53 15.14 -15.71
C SER A 418 -8.25 15.89 -16.09
N ALA A 419 -8.02 17.02 -15.42
CA ALA A 419 -6.83 17.83 -15.69
C ALA A 419 -5.56 17.04 -15.37
N TYR A 420 -5.60 16.26 -14.29
CA TYR A 420 -4.46 15.43 -13.91
C TYR A 420 -4.16 14.45 -15.03
N LEU A 421 -5.17 13.69 -15.47
CA LEU A 421 -4.95 12.73 -16.52
C LEU A 421 -4.40 13.35 -17.79
N GLN A 422 -4.93 14.49 -18.19
CA GLN A 422 -4.48 15.16 -19.40
C GLN A 422 -3.08 15.74 -19.31
N SER A 423 -2.57 15.89 -18.10
CA SER A 423 -1.23 16.44 -17.88
C SER A 423 -0.15 15.34 -17.99
N LEU A 424 -0.59 14.08 -17.96
CA LEU A 424 0.32 12.95 -18.05
C LEU A 424 0.72 12.64 -19.48
N ALA A 425 2.01 12.36 -19.68
CA ALA A 425 2.52 12.07 -21.02
C ALA A 425 2.12 10.69 -21.52
N ILE A 426 2.28 9.69 -20.66
CA ILE A 426 1.96 8.31 -21.01
C ILE A 426 0.71 7.82 -20.29
N LYS A 427 -0.28 7.39 -21.06
CA LYS A 427 -1.53 6.90 -20.52
C LYS A 427 -2.31 6.16 -21.59
N LYS A 428 -3.40 5.51 -21.19
CA LYS A 428 -4.21 4.75 -22.13
C LYS A 428 -5.61 5.32 -22.26
N VAL A 429 -5.73 6.62 -22.05
CA VAL A 429 -7.01 7.31 -22.15
C VAL A 429 -6.79 8.66 -22.83
C CO3 B . 5.84 -11.11 1.42
O1 CO3 B . 4.79 -10.57 2.05
O2 CO3 B . 5.98 -12.45 1.38
O3 CO3 B . 6.67 -10.40 0.89
#